data_3VF2
#
_entry.id   3VF2
#
_cell.length_a   99.160
_cell.length_b   99.160
_cell.length_c   280.919
_cell.angle_alpha   90.000
_cell.angle_beta   90.000
_cell.angle_gamma   120.000
#
_symmetry.space_group_name_H-M   'P 61 2 2'
#
loop_
_entity.id
_entity.type
_entity.pdbx_description
1 polymer 'O-carbamoyltransferase TobZ'
2 non-polymer 'FE (II) ION'
3 non-polymer 'POTASSIUM ION'
4 non-polymer 'PHOSPHORIC ACID MONO(FORMAMIDE)ESTER'
5 non-polymer "ADENOSINE-5'-DIPHOSPHATE"
#
_entity_poly.entity_id   1
_entity_poly.type   'polypeptide(L)'
_entity_poly.pdbx_seq_one_letter_code
;HHHHHHMRVLGLNGWPRDFHDASAALLVDGRIAAFAEEERFTRKKHGYNTAPVQAAAFCLAQAGLTVDDLDAVAFGWDLP
AMYRERLGGWPHSDSEALDILLPRDVFPRRTDPPLHFVQHHLAHAASAYYFSGEDRGAVLIVDGQGEEECVTLAHAEGGK
ITVLDTVPGAWSLGFFYEHVSEYTGLGGDNPGKLMGLAAHGTTVDETLSAFAFDSDGYRLNLIDPQARDPEDWDEYSVTE
RAWFAHLERIYRLPPNEFVRRYDPAKGRVVRDTRRDPYEYRDLAATAQAALERAVFGLADSVLARTGERTLFVAGGVGLN
ATMNGKLLTRSTVDKMFVPPVASDIGVSLGAAAAVAVELGDRIAPMGDTAAWGPEFSPDQVRAALDRTGLAYREPANLER
EVAALIASGKVVGWAQGRGEVGPRALGQRSLLGSAHSPTMRDHINLRVKDREWWRPFAPSMLRSVSDQVLEVDADFPYII
MTTKVRAAYAERLPSVVHEDWSTRPQTVTEASNPRYHRMLTELGDLVGDPVCLNTSFNDRGEPIVSSPADALLTFSRLPI
DALAVGPYLVTKDLRH
;
_entity_poly.pdbx_strand_id   A
#
loop_
_chem_comp.id
_chem_comp.type
_chem_comp.name
_chem_comp.formula
ADP non-polymer ADENOSINE-5'-DIPHOSPHATE 'C10 H15 N5 O10 P2'
CP non-polymer 'PHOSPHORIC ACID MONO(FORMAMIDE)ESTER' 'C H4 N O5 P'
FE2 non-polymer 'FE (II) ION' 'Fe 2'
K non-polymer 'POTASSIUM ION' 'K 1'
#
# COMPACT_ATOMS: atom_id res chain seq x y z
N MET A 7 -16.51 14.01 -17.29
CA MET A 7 -15.25 14.73 -17.14
C MET A 7 -13.98 13.86 -17.17
N ARG A 8 -12.88 14.48 -17.60
CA ARG A 8 -11.58 13.86 -17.59
C ARG A 8 -10.75 14.62 -16.57
N VAL A 9 -10.43 13.97 -15.47
CA VAL A 9 -9.72 14.65 -14.40
C VAL A 9 -8.45 13.89 -14.06
N LEU A 10 -7.31 14.58 -14.13
CA LEU A 10 -6.03 13.99 -13.77
C LEU A 10 -5.65 14.42 -12.37
N GLY A 11 -5.69 13.47 -11.45
CA GLY A 11 -5.23 13.68 -10.08
C GLY A 11 -3.74 13.42 -9.96
N LEU A 12 -3.09 14.18 -9.11
CA LEU A 12 -1.65 14.09 -8.95
C LEU A 12 -1.23 14.09 -7.47
N ASN A 13 -0.11 13.43 -7.18
CA ASN A 13 0.55 13.62 -5.90
C ASN A 13 2.06 13.52 -6.07
N GLY A 14 2.81 14.32 -5.31
CA GLY A 14 4.24 14.41 -5.48
C GLY A 14 4.66 15.82 -5.87
N TRP A 15 5.59 16.36 -5.11
CA TRP A 15 6.10 17.71 -5.32
C TRP A 15 7.61 17.62 -5.16
N PRO A 16 8.35 18.45 -5.90
CA PRO A 16 9.81 18.31 -5.84
C PRO A 16 10.41 18.54 -4.45
N ARG A 17 9.72 19.26 -3.57
CA ARG A 17 10.28 19.60 -2.26
C ARG A 17 9.66 18.86 -1.07
N ASP A 18 10.33 17.81 -0.58
CA ASP A 18 9.97 17.22 0.72
C ASP A 18 8.70 16.35 0.71
N PHE A 19 8.60 15.49 -0.30
CA PHE A 19 7.39 14.71 -0.49
C PHE A 19 7.74 13.25 -0.67
N HIS A 20 6.73 12.39 -0.59
CA HIS A 20 6.93 10.97 -0.84
C HIS A 20 5.74 10.36 -1.58
N ASP A 21 6.00 9.28 -2.31
CA ASP A 21 4.93 8.48 -2.93
C ASP A 21 4.17 9.25 -4.01
N ALA A 22 4.90 9.94 -4.87
CA ALA A 22 4.29 10.55 -6.03
C ALA A 22 3.44 9.50 -6.79
N SER A 23 2.29 9.94 -7.27
CA SER A 23 1.49 9.14 -8.17
C SER A 23 0.58 10.01 -9.00
N ALA A 24 -0.01 9.41 -10.02
CA ALA A 24 -0.89 10.10 -10.95
C ALA A 24 -2.07 9.17 -11.24
N ALA A 25 -3.27 9.72 -11.22
CA ALA A 25 -4.47 8.92 -11.45
C ALA A 25 -5.42 9.62 -12.41
N LEU A 26 -5.90 8.92 -13.43
CA LEU A 26 -6.81 9.55 -14.38
C LEU A 26 -8.24 9.01 -14.28
N LEU A 27 -9.18 9.84 -13.81
CA LEU A 27 -10.59 9.48 -13.88
C LEU A 27 -11.20 9.96 -15.19
N VAL A 28 -11.80 9.06 -15.94
CA VAL A 28 -12.56 9.50 -17.10
C VAL A 28 -14.01 9.06 -16.92
N ASP A 29 -14.89 10.05 -16.86
CA ASP A 29 -16.30 9.79 -16.61
C ASP A 29 -16.57 8.78 -15.50
N GLY A 30 -15.90 8.99 -14.36
CA GLY A 30 -16.19 8.21 -13.17
C GLY A 30 -15.29 7.01 -13.05
N ARG A 31 -14.73 6.59 -14.19
CA ARG A 31 -13.95 5.37 -14.25
C ARG A 31 -12.46 5.68 -14.23
N ILE A 32 -11.69 4.69 -13.78
CA ILE A 32 -10.24 4.86 -13.70
C ILE A 32 -9.61 4.44 -15.01
N ALA A 33 -9.19 5.41 -15.82
CA ALA A 33 -8.54 5.11 -17.08
C ALA A 33 -7.18 4.49 -16.82
N ALA A 34 -6.36 5.19 -16.05
CA ALA A 34 -5.04 4.70 -15.66
C ALA A 34 -4.70 5.22 -14.27
N PHE A 35 -3.72 4.56 -13.64
CA PHE A 35 -3.31 4.87 -12.27
C PHE A 35 -1.96 4.22 -11.96
N ALA A 36 -0.96 5.00 -11.58
CA ALA A 36 0.33 4.38 -11.24
C ALA A 36 1.22 5.20 -10.29
N GLU A 37 2.08 4.49 -9.58
CA GLU A 37 3.03 5.10 -8.67
C GLU A 37 4.33 5.42 -9.38
N GLU A 38 4.83 6.65 -9.18
CA GLU A 38 6.03 7.11 -9.85
C GLU A 38 7.18 6.14 -9.71
N GLU A 39 7.32 5.52 -8.53
CA GLU A 39 8.50 4.67 -8.25
C GLU A 39 8.62 3.53 -9.24
N ARG A 40 7.49 3.03 -9.74
CA ARG A 40 7.50 1.92 -10.67
C ARG A 40 8.27 2.27 -11.94
N PHE A 41 8.26 3.54 -12.31
CA PHE A 41 8.90 3.96 -13.54
C PHE A 41 10.35 4.36 -13.29
N THR A 42 10.60 4.97 -12.15
CA THR A 42 11.92 5.47 -11.80
C THR A 42 12.81 4.37 -11.23
N ARG A 43 12.17 3.37 -10.62
CA ARG A 43 12.86 2.22 -10.05
C ARG A 43 13.49 2.60 -8.73
N LYS A 44 13.23 3.82 -8.29
CA LYS A 44 13.69 4.30 -6.99
C LYS A 44 12.53 4.18 -6.02
N LYS A 45 12.73 3.46 -4.91
CA LYS A 45 11.63 3.19 -3.97
C LYS A 45 11.03 4.47 -3.39
N HIS A 46 9.70 4.48 -3.28
CA HIS A 46 8.94 5.46 -2.48
C HIS A 46 8.58 6.80 -3.14
N GLY A 47 9.08 7.03 -4.36
CA GLY A 47 8.67 8.18 -5.13
C GLY A 47 8.93 9.50 -4.44
N TYR A 48 10.11 9.63 -3.81
CA TYR A 48 10.53 10.80 -3.05
C TYR A 48 10.84 12.05 -3.91
N ASN A 49 10.57 13.24 -3.38
CA ASN A 49 10.96 14.53 -3.97
C ASN A 49 10.79 14.69 -5.47
N THR A 50 9.55 14.65 -5.93
CA THR A 50 9.32 14.76 -7.35
C THR A 50 7.84 14.83 -7.66
N ALA A 51 7.51 15.51 -8.75
CA ALA A 51 6.18 15.43 -9.32
C ALA A 51 6.09 14.06 -9.94
N PRO A 52 4.87 13.53 -10.08
CA PRO A 52 4.70 12.22 -10.72
C PRO A 52 4.82 12.31 -12.25
N VAL A 53 5.98 12.74 -12.76
CA VAL A 53 6.15 13.03 -14.18
C VAL A 53 5.85 11.82 -15.04
N GLN A 54 6.47 10.69 -14.70
CA GLN A 54 6.35 9.50 -15.53
C GLN A 54 5.01 8.81 -15.36
N ALA A 55 4.53 8.75 -14.14
CA ALA A 55 3.20 8.20 -13.88
C ALA A 55 2.11 8.97 -14.66
N ALA A 56 2.12 10.30 -14.56
CA ALA A 56 1.23 11.15 -15.33
C ALA A 56 1.41 10.93 -16.84
N ALA A 57 2.67 10.91 -17.29
CA ALA A 57 3.00 10.57 -18.67
C ALA A 57 2.32 9.27 -19.11
N PHE A 58 2.50 8.23 -18.31
CA PHE A 58 1.84 6.95 -18.59
C PHE A 58 0.31 7.06 -18.63
N CYS A 59 -0.28 7.74 -17.66
CA CYS A 59 -1.73 7.87 -17.64
C CYS A 59 -2.27 8.50 -18.93
N LEU A 60 -1.71 9.65 -19.31
CA LEU A 60 -2.18 10.34 -20.49
C LEU A 60 -2.06 9.44 -21.70
N ALA A 61 -0.92 8.77 -21.81
CA ALA A 61 -0.65 7.90 -22.95
C ALA A 61 -1.69 6.77 -23.03
N GLN A 62 -1.91 6.11 -21.90
CA GLN A 62 -2.88 5.04 -21.80
C GLN A 62 -4.23 5.51 -22.30
N ALA A 63 -4.69 6.65 -21.75
CA ALA A 63 -6.00 7.16 -22.10
C ALA A 63 -6.04 7.79 -23.52
N GLY A 64 -4.87 7.94 -24.13
CA GLY A 64 -4.79 8.58 -25.43
C GLY A 64 -5.17 10.05 -25.37
N LEU A 65 -4.55 10.77 -24.44
CA LEU A 65 -4.91 12.14 -24.17
C LEU A 65 -3.70 13.07 -24.01
N THR A 66 -3.95 14.35 -24.19
CA THR A 66 -2.98 15.39 -23.87
C THR A 66 -3.50 16.17 -22.68
N VAL A 67 -2.72 17.11 -22.14
CA VAL A 67 -3.27 17.89 -21.05
C VAL A 67 -4.45 18.70 -21.58
N ASP A 68 -4.45 19.00 -22.87
CA ASP A 68 -5.54 19.78 -23.44
C ASP A 68 -6.87 19.05 -23.42
N ASP A 69 -6.85 17.73 -23.33
CA ASP A 69 -8.10 17.00 -23.22
C ASP A 69 -8.57 16.94 -21.78
N LEU A 70 -7.85 17.59 -20.88
CA LEU A 70 -8.21 17.47 -19.48
C LEU A 70 -9.15 18.55 -19.01
N ASP A 71 -10.17 18.12 -18.27
CA ASP A 71 -11.10 19.04 -17.65
C ASP A 71 -10.49 19.69 -16.40
N ALA A 72 -9.64 18.95 -15.69
CA ALA A 72 -9.04 19.45 -14.46
C ALA A 72 -7.82 18.65 -14.04
N VAL A 73 -6.83 19.35 -13.47
CA VAL A 73 -5.75 18.68 -12.77
C VAL A 73 -5.98 18.96 -11.28
N ALA A 74 -5.96 17.91 -10.47
CA ALA A 74 -6.12 18.07 -9.02
C ALA A 74 -4.88 17.60 -8.25
N PHE A 75 -4.50 18.36 -7.21
CA PHE A 75 -3.43 17.92 -6.30
C PHE A 75 -3.96 17.52 -4.94
N GLY A 76 -3.38 16.48 -4.35
CA GLY A 76 -3.91 15.94 -3.11
C GLY A 76 -3.47 16.55 -1.78
N TRP A 77 -3.16 17.84 -1.79
CA TRP A 77 -2.84 18.57 -0.56
C TRP A 77 -3.24 19.99 -0.84
N ASP A 78 -3.60 20.73 0.20
CA ASP A 78 -3.70 22.16 0.02
C ASP A 78 -2.28 22.77 0.09
N LEU A 79 -1.53 22.54 -0.98
CA LEU A 79 -0.14 22.94 -1.09
C LEU A 79 0.09 24.45 -0.91
N PRO A 80 -0.76 25.28 -1.54
CA PRO A 80 -0.56 26.72 -1.34
C PRO A 80 -0.74 27.06 0.12
N ALA A 81 -1.65 26.34 0.80
CA ALA A 81 -1.94 26.61 2.21
C ALA A 81 -0.78 26.21 3.12
N MET A 82 -0.08 25.13 2.77
CA MET A 82 1.08 24.70 3.53
C MET A 82 2.20 25.70 3.34
N TYR A 83 2.31 26.25 2.13
CA TYR A 83 3.35 27.22 1.82
C TYR A 83 3.13 28.54 2.57
N ARG A 84 1.87 28.95 2.65
CA ARG A 84 1.48 30.16 3.35
C ARG A 84 1.75 30.02 4.83
N GLU A 85 1.35 28.89 5.38
CA GLU A 85 1.42 28.66 6.81
C GLU A 85 2.85 28.39 7.26
N ARG A 86 3.48 27.38 6.67
CA ARG A 86 4.75 26.90 7.18
C ARG A 86 6.01 27.56 6.58
N LEU A 87 5.95 28.00 5.33
CA LEU A 87 7.12 28.56 4.64
C LEU A 87 6.99 30.05 4.34
N GLY A 88 5.93 30.66 4.86
CA GLY A 88 5.68 32.09 4.70
C GLY A 88 5.62 32.56 3.25
N GLY A 89 4.59 32.13 2.52
CA GLY A 89 4.46 32.51 1.12
C GLY A 89 4.25 31.39 0.11
N TRP A 90 3.12 31.45 -0.60
CA TRP A 90 2.89 30.62 -1.79
C TRP A 90 3.23 31.44 -3.02
N PRO A 91 4.45 31.23 -3.54
CA PRO A 91 5.08 32.04 -4.59
C PRO A 91 4.57 31.81 -6.02
N HIS A 92 3.81 30.74 -6.26
CA HIS A 92 3.49 30.32 -7.63
C HIS A 92 2.16 30.78 -8.19
N SER A 93 2.08 30.88 -9.51
CA SER A 93 0.80 31.07 -10.16
C SER A 93 0.33 29.69 -10.58
N ASP A 94 -0.98 29.50 -10.67
CA ASP A 94 -1.48 28.21 -11.12
C ASP A 94 -0.73 27.70 -12.35
N SER A 95 -0.24 28.58 -13.23
CA SER A 95 0.57 28.08 -14.35
C SER A 95 1.99 27.70 -13.91
N GLU A 96 2.58 28.47 -13.01
CA GLU A 96 3.87 28.10 -12.49
C GLU A 96 3.77 26.83 -11.67
N ALA A 97 2.60 26.60 -11.07
CA ALA A 97 2.36 25.35 -10.35
C ALA A 97 2.32 24.16 -11.29
N LEU A 98 1.53 24.30 -12.36
CA LEU A 98 1.37 23.23 -13.34
C LEU A 98 2.65 22.92 -14.08
N ASP A 99 3.53 23.91 -14.17
CA ASP A 99 4.81 23.72 -14.84
C ASP A 99 5.74 22.86 -14.01
N ILE A 100 5.51 22.83 -12.70
CA ILE A 100 6.33 22.02 -11.82
C ILE A 100 5.78 20.59 -11.73
N LEU A 101 4.46 20.49 -11.74
CA LEU A 101 3.74 19.23 -11.64
C LEU A 101 3.76 18.51 -12.97
N LEU A 102 3.52 19.25 -14.04
CA LEU A 102 3.50 18.64 -15.36
C LEU A 102 4.41 19.40 -16.30
N PRO A 103 5.71 19.21 -16.14
CA PRO A 103 6.78 19.88 -16.89
C PRO A 103 6.44 19.96 -18.37
N ARG A 104 6.64 21.15 -18.94
CA ARG A 104 6.23 21.44 -20.32
C ARG A 104 6.93 20.63 -21.40
N ASP A 105 8.09 20.07 -21.08
CA ASP A 105 8.86 19.26 -22.01
C ASP A 105 8.39 17.81 -22.06
N VAL A 106 7.57 17.38 -21.10
CA VAL A 106 6.96 16.04 -21.17
C VAL A 106 5.48 16.14 -21.52
N PHE A 107 4.89 17.26 -21.09
CA PHE A 107 3.47 17.51 -21.20
C PHE A 107 3.24 18.85 -21.89
N PRO A 108 3.15 18.85 -23.23
CA PRO A 108 2.88 20.09 -23.98
C PRO A 108 1.38 20.45 -23.97
N ARG A 109 1.06 21.69 -23.64
CA ARG A 109 -0.33 22.13 -23.55
C ARG A 109 -0.55 23.47 -24.27
N ARG A 110 -1.69 23.63 -24.93
CA ARG A 110 -2.07 24.92 -25.49
C ARG A 110 -2.37 25.96 -24.40
N THR A 111 -2.89 25.48 -23.27
CA THR A 111 -3.39 26.33 -22.18
C THR A 111 -3.39 25.49 -20.91
N ASP A 112 -3.37 26.17 -19.76
CA ASP A 112 -3.43 25.46 -18.49
C ASP A 112 -4.84 24.97 -18.24
N PRO A 113 -5.00 23.71 -17.80
CA PRO A 113 -6.32 23.32 -17.34
C PRO A 113 -6.57 23.88 -15.93
N PRO A 114 -7.82 23.96 -15.49
CA PRO A 114 -8.10 24.29 -14.11
C PRO A 114 -7.32 23.40 -13.13
N LEU A 115 -6.70 24.04 -12.14
CA LEU A 115 -5.91 23.33 -11.15
C LEU A 115 -6.60 23.41 -9.79
N HIS A 116 -7.00 22.28 -9.24
CA HIS A 116 -7.55 22.26 -7.90
C HIS A 116 -6.58 21.70 -6.86
N PHE A 117 -6.45 22.38 -5.74
CA PHE A 117 -5.82 21.74 -4.60
C PHE A 117 -6.90 21.20 -3.66
N VAL A 118 -6.81 19.91 -3.38
CA VAL A 118 -7.76 19.26 -2.50
C VAL A 118 -7.11 19.02 -1.14
N GLN A 119 -7.85 19.31 -0.07
CA GLN A 119 -7.33 19.12 1.28
C GLN A 119 -6.88 17.69 1.44
N HIS A 120 -5.72 17.52 2.05
CA HIS A 120 -5.12 16.20 2.11
C HIS A 120 -6.04 15.09 2.64
N HIS A 121 -6.70 15.28 3.78
CA HIS A 121 -7.50 14.18 4.32
C HIS A 121 -8.79 13.94 3.55
N LEU A 122 -9.37 15.04 3.06
CA LEU A 122 -10.53 14.92 2.20
C LEU A 122 -10.18 14.01 1.05
N ALA A 123 -8.95 14.15 0.57
CA ALA A 123 -8.45 13.40 -0.59
C ALA A 123 -8.34 11.90 -0.27
N HIS A 124 -7.76 11.58 0.88
CA HIS A 124 -7.81 10.23 1.44
C HIS A 124 -9.24 9.72 1.57
N ALA A 125 -10.12 10.55 2.14
CA ALA A 125 -11.47 10.13 2.42
C ALA A 125 -12.19 9.82 1.11
N ALA A 126 -11.90 10.64 0.10
CA ALA A 126 -12.44 10.46 -1.24
C ALA A 126 -12.03 9.12 -1.84
N SER A 127 -10.78 8.74 -1.63
CA SER A 127 -10.24 7.51 -2.21
C SER A 127 -10.87 6.28 -1.59
N ALA A 128 -11.50 6.43 -0.43
CA ALA A 128 -12.13 5.29 0.24
C ALA A 128 -13.63 5.23 -0.09
N TYR A 129 -14.33 6.32 0.24
CA TYR A 129 -15.76 6.43 0.01
C TYR A 129 -16.17 6.22 -1.45
N TYR A 130 -15.70 7.08 -2.34
CA TYR A 130 -16.26 7.09 -3.69
C TYR A 130 -15.98 5.81 -4.46
N PHE A 131 -15.02 5.01 -3.99
CA PHE A 131 -14.70 3.76 -4.70
C PHE A 131 -15.17 2.49 -4.00
N SER A 132 -15.70 2.63 -2.77
CA SER A 132 -16.14 1.48 -1.95
C SER A 132 -17.33 0.73 -2.53
N GLY A 133 -18.24 1.45 -3.16
CA GLY A 133 -19.47 0.86 -3.63
C GLY A 133 -20.57 0.88 -2.57
N GLU A 134 -20.43 1.77 -1.60
CA GLU A 134 -21.42 1.88 -0.53
C GLU A 134 -21.98 3.29 -0.46
N ASP A 135 -23.27 3.39 -0.17
CA ASP A 135 -23.96 4.67 -0.15
C ASP A 135 -23.45 5.66 0.91
N ARG A 136 -23.12 5.13 2.08
CA ARG A 136 -22.82 5.98 3.23
C ARG A 136 -21.93 5.24 4.23
N GLY A 137 -21.33 5.98 5.16
CA GLY A 137 -20.62 5.35 6.27
C GLY A 137 -19.81 6.29 7.14
N ALA A 138 -19.15 5.71 8.13
CA ALA A 138 -18.22 6.49 8.94
C ALA A 138 -16.85 6.51 8.26
N VAL A 139 -16.23 7.69 8.23
CA VAL A 139 -14.91 7.83 7.63
C VAL A 139 -13.91 8.01 8.73
N LEU A 140 -12.82 7.24 8.67
CA LEU A 140 -11.77 7.35 9.65
C LEU A 140 -10.49 7.49 8.88
N ILE A 141 -9.93 8.68 8.87
CA ILE A 141 -8.66 8.92 8.19
C ILE A 141 -7.52 8.96 9.21
N VAL A 142 -6.61 7.99 9.12
CA VAL A 142 -5.50 7.96 10.08
C VAL A 142 -4.13 7.81 9.41
N ASP A 143 -3.35 8.88 9.37
CA ASP A 143 -2.00 8.80 8.80
C ASP A 143 -0.88 9.44 9.64
N GLY A 144 0.27 9.70 9.01
CA GLY A 144 1.31 10.48 9.66
C GLY A 144 0.82 11.89 9.92
N GLN A 145 0.55 12.65 8.85
CA GLN A 145 0.10 14.02 9.00
C GLN A 145 -0.15 14.69 7.64
N GLY A 146 -1.37 15.20 7.46
CA GLY A 146 -1.68 16.05 6.33
C GLY A 146 -1.09 17.44 6.56
N GLU A 147 -1.90 18.46 6.34
CA GLU A 147 -1.40 19.83 6.43
C GLU A 147 -1.18 20.24 7.90
N GLU A 148 -2.16 19.91 8.74
CA GLU A 148 -2.09 20.17 10.17
C GLU A 148 -2.48 18.92 10.96
N GLU A 149 -3.71 18.45 10.77
CA GLU A 149 -4.22 17.27 11.46
C GLU A 149 -3.55 15.93 11.08
N CYS A 150 -3.72 14.92 11.94
CA CYS A 150 -3.15 13.59 11.77
C CYS A 150 -4.26 12.55 11.82
N VAL A 151 -5.43 12.95 12.28
CA VAL A 151 -6.62 12.10 12.25
C VAL A 151 -7.80 12.91 11.77
N THR A 152 -8.66 12.31 10.98
CA THR A 152 -9.92 12.92 10.61
C THR A 152 -11.05 11.93 10.82
N LEU A 153 -12.07 12.35 11.56
CA LEU A 153 -13.31 11.58 11.64
C LEU A 153 -14.35 12.32 10.81
N ALA A 154 -14.89 11.66 9.79
CA ALA A 154 -15.86 12.31 8.92
C ALA A 154 -17.05 11.43 8.57
N HIS A 155 -18.05 12.06 7.96
CA HIS A 155 -19.26 11.35 7.62
C HIS A 155 -19.46 11.32 6.11
N ALA A 156 -19.71 10.13 5.57
CA ALA A 156 -19.95 9.99 4.13
C ALA A 156 -21.42 9.65 3.85
N GLU A 157 -22.14 10.59 3.25
CA GLU A 157 -23.55 10.38 2.91
C GLU A 157 -23.98 11.10 1.63
N GLY A 158 -24.66 10.37 0.75
CA GLY A 158 -25.11 10.91 -0.54
C GLY A 158 -24.11 11.85 -1.16
N GLY A 159 -22.96 11.33 -1.58
CA GLY A 159 -21.97 12.11 -2.30
C GLY A 159 -21.09 13.05 -1.48
N LYS A 160 -21.51 13.34 -0.24
CA LYS A 160 -20.79 14.31 0.58
C LYS A 160 -19.97 13.68 1.72
N ILE A 161 -18.81 14.29 1.99
CA ILE A 161 -18.00 13.95 3.15
C ILE A 161 -18.00 15.17 4.08
N THR A 162 -18.28 14.95 5.35
CA THR A 162 -18.37 16.08 6.25
C THR A 162 -17.46 15.82 7.43
N VAL A 163 -16.52 16.72 7.68
CA VAL A 163 -15.58 16.46 8.77
C VAL A 163 -16.24 16.67 10.14
N LEU A 164 -16.08 15.71 11.05
CA LEU A 164 -16.63 15.85 12.40
C LEU A 164 -15.60 16.42 13.33
N ASP A 165 -14.44 15.77 13.37
CA ASP A 165 -13.35 16.19 14.24
C ASP A 165 -12.02 15.78 13.68
N THR A 166 -10.95 16.34 14.25
CA THR A 166 -9.59 15.99 13.86
C THR A 166 -8.68 16.00 15.07
N VAL A 167 -7.49 15.48 14.91
CA VAL A 167 -6.49 15.46 15.99
C VAL A 167 -5.25 16.12 15.40
N PRO A 168 -4.48 16.85 16.21
CA PRO A 168 -3.34 17.55 15.57
C PRO A 168 -2.07 16.71 15.36
N GLY A 169 -1.28 17.11 14.38
CA GLY A 169 -0.06 16.42 14.01
C GLY A 169 0.85 15.90 15.12
N ALA A 170 0.99 16.64 16.22
CA ALA A 170 1.91 16.19 17.26
C ALA A 170 1.49 14.86 17.90
N TRP A 171 0.20 14.53 17.84
CA TRP A 171 -0.27 13.25 18.37
C TRP A 171 -0.34 12.10 17.33
N SER A 172 0.27 12.30 16.17
CA SER A 172 0.24 11.31 15.10
C SER A 172 0.54 9.91 15.61
N LEU A 173 -0.21 8.93 15.08
CA LEU A 173 0.02 7.52 15.35
C LEU A 173 0.83 6.92 14.20
N GLY A 174 0.75 7.53 13.02
CA GLY A 174 1.65 7.16 11.94
C GLY A 174 3.08 7.46 12.35
N PHE A 175 3.34 8.73 12.70
CA PHE A 175 4.64 9.13 13.20
C PHE A 175 5.07 8.25 14.36
N PHE A 176 4.15 8.04 15.29
CA PHE A 176 4.46 7.22 16.44
C PHE A 176 4.98 5.87 15.96
N TYR A 177 4.19 5.18 15.15
CA TYR A 177 4.58 3.88 14.63
C TYR A 177 5.92 3.94 13.91
N GLU A 178 6.06 4.89 13.00
CA GLU A 178 7.32 5.09 12.26
C GLU A 178 8.56 5.17 13.15
N HIS A 179 8.49 5.99 14.20
CA HIS A 179 9.64 6.22 15.06
C HIS A 179 10.03 4.93 15.77
N VAL A 180 9.05 4.14 16.20
CA VAL A 180 9.29 2.84 16.80
C VAL A 180 9.95 1.93 15.74
N SER A 181 9.41 2.01 14.54
CA SER A 181 9.98 1.33 13.37
C SER A 181 11.44 1.65 13.13
N GLU A 182 11.77 2.94 13.16
CA GLU A 182 13.15 3.40 13.07
C GLU A 182 13.97 2.89 14.25
N TYR A 183 13.43 3.11 15.44
CA TYR A 183 14.07 2.78 16.68
C TYR A 183 14.51 1.32 16.74
N THR A 184 13.67 0.43 16.25
CA THR A 184 13.99 -1.00 16.26
C THR A 184 15.08 -1.40 15.28
N GLY A 185 15.50 -0.47 14.44
CA GLY A 185 16.47 -0.76 13.40
C GLY A 185 15.77 -1.28 12.16
N LEU A 186 14.47 -1.42 12.24
CA LEU A 186 13.68 -1.83 11.09
C LEU A 186 13.63 -0.73 10.05
N GLY A 187 13.64 0.50 10.53
CA GLY A 187 13.57 1.68 9.67
C GLY A 187 12.19 2.31 9.60
N GLY A 188 12.16 3.64 9.71
CA GLY A 188 10.93 4.40 9.59
C GLY A 188 10.18 4.19 8.28
N ASP A 189 10.89 3.81 7.23
CA ASP A 189 10.24 3.59 5.94
C ASP A 189 9.81 2.13 5.75
N ASN A 190 9.63 1.42 6.87
CA ASN A 190 9.28 0.00 6.83
C ASN A 190 8.31 -0.39 7.91
N PRO A 191 7.32 0.46 8.18
CA PRO A 191 6.43 0.14 9.29
C PRO A 191 5.82 -1.23 9.11
N GLY A 192 5.58 -1.61 7.87
CA GLY A 192 5.01 -2.91 7.57
C GLY A 192 5.81 -4.02 8.20
N LYS A 193 7.13 -3.87 8.20
CA LYS A 193 8.00 -4.85 8.80
C LYS A 193 7.73 -4.90 10.30
N LEU A 194 7.50 -3.73 10.88
CA LEU A 194 7.14 -3.65 12.29
C LEU A 194 5.81 -4.38 12.54
N MET A 195 4.80 -4.08 11.74
CA MET A 195 3.56 -4.82 11.89
C MET A 195 3.92 -6.31 11.93
N GLY A 196 4.83 -6.72 11.06
CA GLY A 196 5.16 -8.12 10.91
C GLY A 196 5.83 -8.67 12.13
N LEU A 197 6.74 -7.88 12.67
CA LEU A 197 7.50 -8.27 13.85
C LEU A 197 6.58 -8.46 15.06
N ALA A 198 5.69 -7.49 15.27
CA ALA A 198 4.69 -7.55 16.34
C ALA A 198 4.22 -8.97 16.64
N ALA A 199 3.83 -9.70 15.59
CA ALA A 199 3.29 -11.04 15.76
C ALA A 199 4.19 -11.92 16.64
N HIS A 200 5.49 -11.67 16.60
CA HIS A 200 6.43 -12.47 17.36
C HIS A 200 6.67 -11.94 18.78
N GLY A 201 6.11 -10.79 19.09
CA GLY A 201 6.31 -10.20 20.40
C GLY A 201 5.26 -10.58 21.42
N THR A 202 5.41 -10.02 22.62
CA THR A 202 4.46 -10.21 23.72
C THR A 202 4.19 -8.86 24.33
N THR A 203 2.92 -8.45 24.35
CA THR A 203 2.54 -7.13 24.83
C THR A 203 2.76 -7.01 26.32
N VAL A 204 3.41 -5.94 26.74
CA VAL A 204 3.68 -5.79 28.14
C VAL A 204 2.75 -4.74 28.76
N ASP A 205 2.90 -3.50 28.35
CA ASP A 205 2.09 -2.42 28.89
C ASP A 205 1.65 -1.57 27.70
N GLU A 206 0.48 -1.86 27.17
CA GLU A 206 0.06 -1.20 25.94
C GLU A 206 0.02 0.33 25.98
N THR A 207 0.11 0.92 27.16
CA THR A 207 0.16 2.39 27.24
C THR A 207 1.52 2.92 26.85
N LEU A 208 2.54 2.06 26.82
CA LEU A 208 3.91 2.49 26.62
C LEU A 208 4.24 3.64 27.56
N SER A 209 3.45 3.80 28.61
CA SER A 209 3.66 4.89 29.56
C SER A 209 3.51 6.25 28.90
N ALA A 210 2.75 6.31 27.80
CA ALA A 210 2.55 7.56 27.09
C ALA A 210 1.09 7.74 26.71
N PHE A 211 0.54 6.74 26.05
CA PHE A 211 -0.87 6.78 25.69
C PHE A 211 -1.79 6.54 26.90
N ALA A 212 -2.82 7.38 27.01
CA ALA A 212 -3.96 7.09 27.86
C ALA A 212 -5.09 6.79 26.91
N PHE A 213 -5.68 5.61 27.02
CA PHE A 213 -6.76 5.23 26.12
C PHE A 213 -8.16 5.55 26.66
N ASP A 214 -9.10 5.76 25.76
CA ASP A 214 -10.48 5.89 26.18
C ASP A 214 -11.42 5.45 25.09
N SER A 215 -12.72 5.56 25.34
CA SER A 215 -13.73 4.99 24.44
C SER A 215 -13.87 5.71 23.10
N ASP A 216 -13.31 6.92 23.00
CA ASP A 216 -13.37 7.70 21.76
C ASP A 216 -12.04 7.71 21.02
N GLY A 217 -11.03 7.10 21.63
CA GLY A 217 -9.71 7.13 21.06
C GLY A 217 -8.65 7.10 22.13
N TYR A 218 -7.78 8.11 22.09
CA TYR A 218 -6.57 8.10 22.86
C TYR A 218 -6.14 9.50 23.25
N ARG A 219 -5.10 9.58 24.06
CA ARG A 219 -4.65 10.82 24.65
C ARG A 219 -3.18 10.61 24.86
N LEU A 220 -2.37 11.58 24.48
CA LEU A 220 -0.92 11.40 24.47
C LEU A 220 -0.22 12.43 25.35
N ASN A 221 0.04 12.03 26.58
CA ASN A 221 0.56 12.95 27.56
C ASN A 221 2.05 13.20 27.38
N LEU A 222 2.71 12.37 26.58
CA LEU A 222 4.12 12.57 26.24
C LEU A 222 4.40 13.89 25.47
N ILE A 223 3.51 14.29 24.56
CA ILE A 223 3.72 15.50 23.76
C ILE A 223 2.59 16.51 23.87
N ASP A 224 2.94 17.79 23.82
CA ASP A 224 1.93 18.84 23.77
C ASP A 224 1.20 18.75 22.43
N PRO A 225 -0.11 18.59 22.47
CA PRO A 225 -0.82 18.40 21.20
C PRO A 225 -0.74 19.61 20.27
N GLN A 226 -0.44 20.78 20.81
CA GLN A 226 -0.36 21.94 19.94
C GLN A 226 1.09 22.22 19.57
N ALA A 227 1.97 21.28 19.87
CA ALA A 227 3.39 21.45 19.62
C ALA A 227 3.65 21.45 18.12
N ARG A 228 4.54 22.33 17.69
CA ARG A 228 4.74 22.60 16.28
C ARG A 228 6.21 22.93 15.92
N ASP A 229 6.64 22.48 14.75
CA ASP A 229 7.98 22.72 14.23
C ASP A 229 8.05 24.05 13.46
N PRO A 230 8.92 24.98 13.90
CA PRO A 230 9.19 26.23 13.19
C PRO A 230 9.97 26.00 11.88
N GLU A 231 10.95 25.10 11.96
CA GLU A 231 11.84 24.81 10.84
C GLU A 231 11.32 23.71 9.91
N ASP A 232 10.03 23.72 9.60
CA ASP A 232 9.44 22.63 8.81
C ASP A 232 7.99 22.87 8.49
N TRP A 233 7.34 21.87 7.91
CA TRP A 233 5.91 21.95 7.66
C TRP A 233 5.12 20.68 8.03
N ASP A 234 5.66 19.92 8.97
CA ASP A 234 4.98 18.81 9.64
C ASP A 234 5.75 18.54 10.94
N GLU A 235 5.12 17.85 11.90
CA GLU A 235 5.77 17.67 13.19
C GLU A 235 6.55 16.39 13.31
N TYR A 236 7.16 15.94 12.22
CA TYR A 236 7.95 14.72 12.26
C TYR A 236 9.14 14.82 13.20
N SER A 237 9.96 15.85 13.02
CA SER A 237 11.19 16.00 13.79
C SER A 237 10.86 16.22 15.26
N VAL A 238 9.76 16.91 15.49
CA VAL A 238 9.30 17.16 16.83
C VAL A 238 8.90 15.84 17.50
N THR A 239 7.98 15.11 16.88
CA THR A 239 7.53 13.85 17.42
C THR A 239 8.68 12.86 17.55
N GLU A 240 9.62 12.92 16.62
CA GLU A 240 10.79 12.06 16.68
C GLU A 240 11.61 12.21 17.98
N ARG A 241 11.94 13.45 18.34
CA ARG A 241 12.76 13.69 19.52
C ARG A 241 12.03 13.22 20.76
N ALA A 242 10.74 13.57 20.82
CA ALA A 242 9.89 13.18 21.93
C ALA A 242 9.80 11.66 22.07
N TRP A 243 9.51 10.97 20.97
CA TRP A 243 9.37 9.53 21.06
C TRP A 243 10.68 8.82 21.34
N PHE A 244 11.72 9.20 20.63
CA PHE A 244 13.00 8.57 20.84
C PHE A 244 13.48 8.79 22.27
N ALA A 245 13.28 9.98 22.81
CA ALA A 245 13.71 10.21 24.18
C ALA A 245 12.90 9.34 25.12
N HIS A 246 11.58 9.32 24.88
CA HIS A 246 10.69 8.53 25.71
C HIS A 246 11.04 7.04 25.66
N LEU A 247 11.22 6.50 24.46
CA LEU A 247 11.45 5.08 24.36
C LEU A 247 12.69 4.65 25.14
N GLU A 248 13.75 5.47 25.07
CA GLU A 248 14.98 5.07 25.74
C GLU A 248 14.87 5.09 27.26
N ARG A 249 13.97 5.92 27.79
CA ARG A 249 13.73 5.90 29.23
C ARG A 249 13.03 4.59 29.61
N ILE A 250 11.96 4.26 28.89
CA ILE A 250 11.08 3.19 29.34
C ILE A 250 11.44 1.81 28.83
N TYR A 251 12.25 1.72 27.78
CA TYR A 251 12.50 0.41 27.16
C TYR A 251 13.93 -0.11 27.36
N ARG A 252 14.03 -1.41 27.64
CA ARG A 252 15.27 -2.02 28.11
C ARG A 252 16.42 -1.97 27.10
N LEU A 253 16.15 -1.67 25.84
CA LEU A 253 17.21 -1.48 24.84
C LEU A 253 17.23 -0.07 24.30
N PRO A 254 18.43 0.49 24.06
CA PRO A 254 18.57 1.78 23.38
C PRO A 254 18.27 1.67 21.89
N PRO A 255 18.23 2.80 21.18
CA PRO A 255 17.92 2.75 19.74
C PRO A 255 18.84 1.75 19.05
N ASN A 256 18.29 0.98 18.13
CA ASN A 256 19.15 0.20 17.26
C ASN A 256 19.78 1.20 16.32
N GLU A 257 21.09 1.15 16.12
CA GLU A 257 21.74 2.09 15.20
C GLU A 257 22.04 1.42 13.85
N PHE A 258 22.11 2.23 12.81
CA PHE A 258 22.42 1.70 11.48
C PHE A 258 23.91 1.76 11.22
N VAL A 259 24.41 0.77 10.49
CA VAL A 259 25.86 0.59 10.31
C VAL A 259 26.30 0.60 8.86
N ARG A 260 27.27 1.47 8.55
CA ARG A 260 27.69 1.65 7.17
C ARG A 260 29.11 1.14 6.99
N ARG A 261 29.24 -0.04 6.40
CA ARG A 261 30.56 -0.62 6.23
C ARG A 261 30.81 -1.19 4.84
N TYR A 262 32.07 -1.22 4.42
CA TYR A 262 32.43 -1.78 3.13
C TYR A 262 32.47 -3.28 3.27
N ASP A 263 31.66 -3.96 2.48
CA ASP A 263 31.65 -5.41 2.48
C ASP A 263 32.39 -5.94 1.27
N PRO A 264 33.55 -6.57 1.49
CA PRO A 264 34.43 -6.92 0.37
C PRO A 264 33.86 -8.04 -0.50
N ALA A 265 32.68 -8.53 -0.14
CA ALA A 265 32.05 -9.63 -0.87
C ALA A 265 31.04 -9.05 -1.82
N LYS A 266 30.61 -7.84 -1.50
CA LYS A 266 29.59 -7.15 -2.26
C LYS A 266 30.31 -6.10 -3.10
N GLY A 267 31.44 -5.64 -2.57
CA GLY A 267 32.23 -4.62 -3.22
C GLY A 267 31.64 -3.25 -3.02
N ARG A 268 30.80 -3.08 -2.01
CA ARG A 268 30.18 -1.78 -1.75
C ARG A 268 30.21 -1.45 -0.28
N VAL A 269 29.88 -0.22 0.06
CA VAL A 269 29.54 0.08 1.43
C VAL A 269 28.04 -0.18 1.60
N VAL A 270 27.70 -1.16 2.44
CA VAL A 270 26.31 -1.56 2.64
C VAL A 270 25.79 -1.06 3.97
N ARG A 271 24.47 -0.88 4.06
CA ARG A 271 23.86 -0.53 5.35
C ARG A 271 23.48 -1.79 6.13
N ASP A 272 23.49 -1.68 7.45
CA ASP A 272 23.11 -2.79 8.31
C ASP A 272 22.71 -2.23 9.68
N THR A 273 22.25 -3.11 10.58
CA THR A 273 21.83 -2.68 11.93
C THR A 273 22.70 -3.28 13.02
N ARG A 274 23.16 -2.43 13.95
CA ARG A 274 24.03 -2.87 15.05
C ARG A 274 23.47 -4.09 15.74
N ARG A 275 22.18 -4.04 16.09
CA ARG A 275 21.50 -5.20 16.66
C ARG A 275 20.61 -5.92 15.65
N ASP A 276 20.21 -7.14 16.01
CA ASP A 276 19.18 -7.85 15.26
C ASP A 276 17.83 -7.25 15.66
N PRO A 277 17.09 -6.70 14.70
CA PRO A 277 15.78 -6.10 14.98
C PRO A 277 14.80 -7.06 15.65
N TYR A 278 15.03 -8.37 15.54
CA TYR A 278 14.14 -9.34 16.15
C TYR A 278 14.17 -9.20 17.66
N GLU A 279 15.28 -8.70 18.20
CA GLU A 279 15.39 -8.43 19.62
C GLU A 279 14.31 -7.48 20.14
N TYR A 280 13.82 -6.55 19.30
CA TYR A 280 12.81 -5.60 19.79
C TYR A 280 11.36 -6.09 19.66
N ARG A 281 11.18 -7.38 19.41
CA ARG A 281 9.84 -7.91 19.17
C ARG A 281 8.83 -7.54 20.25
N ASP A 282 9.25 -7.47 21.51
CA ASP A 282 8.34 -7.01 22.54
C ASP A 282 7.91 -5.56 22.34
N LEU A 283 8.87 -4.69 22.06
CA LEU A 283 8.54 -3.29 21.81
C LEU A 283 7.62 -3.20 20.60
N ALA A 284 7.81 -4.10 19.63
CA ALA A 284 6.96 -4.12 18.43
C ALA A 284 5.53 -4.56 18.73
N ALA A 285 5.41 -5.69 19.43
CA ALA A 285 4.13 -6.23 19.84
C ALA A 285 3.34 -5.17 20.58
N THR A 286 4.04 -4.35 21.37
CA THR A 286 3.44 -3.29 22.18
C THR A 286 3.08 -2.02 21.37
N ALA A 287 3.92 -1.64 20.41
CA ALA A 287 3.57 -0.51 19.55
C ALA A 287 2.32 -0.83 18.73
N GLN A 288 2.24 -2.06 18.25
CA GLN A 288 1.05 -2.55 17.56
C GLN A 288 -0.19 -2.50 18.45
N ALA A 289 -0.10 -3.04 19.65
CA ALA A 289 -1.24 -3.05 20.57
C ALA A 289 -1.72 -1.63 20.90
N ALA A 290 -0.77 -0.71 21.06
CA ALA A 290 -1.12 0.67 21.34
C ALA A 290 -1.91 1.25 20.17
N LEU A 291 -1.42 1.02 18.96
CA LEU A 291 -2.07 1.48 17.75
C LEU A 291 -3.48 0.91 17.62
N GLU A 292 -3.62 -0.39 17.87
CA GLU A 292 -4.94 -0.98 17.74
C GLU A 292 -5.91 -0.32 18.72
N ARG A 293 -5.46 -0.19 19.96
CA ARG A 293 -6.28 0.37 21.03
C ARG A 293 -6.67 1.83 20.80
N ALA A 294 -5.79 2.59 20.16
CA ALA A 294 -6.09 3.98 19.86
C ALA A 294 -7.12 3.99 18.74
N VAL A 295 -6.87 3.19 17.72
CA VAL A 295 -7.74 3.18 16.57
C VAL A 295 -9.12 2.55 16.85
N PHE A 296 -9.18 1.56 17.76
CA PHE A 296 -10.48 0.98 18.14
C PHE A 296 -11.40 2.06 18.70
N GLY A 297 -10.84 2.92 19.56
CA GLY A 297 -11.55 4.06 20.10
C GLY A 297 -12.06 5.06 19.08
N LEU A 298 -11.20 5.46 18.15
CA LEU A 298 -11.60 6.39 17.10
C LEU A 298 -12.70 5.80 16.23
N ALA A 299 -12.48 4.57 15.77
CA ALA A 299 -13.47 3.91 14.96
C ALA A 299 -14.83 3.90 15.65
N ASP A 300 -14.85 3.46 16.91
CA ASP A 300 -16.08 3.43 17.70
C ASP A 300 -16.73 4.82 17.75
N SER A 301 -15.89 5.83 17.93
CA SER A 301 -16.38 7.18 18.13
C SER A 301 -17.11 7.65 16.86
N VAL A 302 -16.41 7.60 15.72
CA VAL A 302 -16.96 8.12 14.48
C VAL A 302 -18.17 7.32 14.01
N LEU A 303 -18.22 6.04 14.36
CA LEU A 303 -19.36 5.20 13.99
C LEU A 303 -20.62 5.58 14.79
N ALA A 304 -20.45 5.78 16.09
CA ALA A 304 -21.57 6.10 16.96
C ALA A 304 -22.11 7.53 16.74
N ARG A 305 -21.25 8.42 16.24
CA ARG A 305 -21.66 9.79 15.94
C ARG A 305 -22.41 9.88 14.60
N THR A 306 -22.15 8.95 13.71
CA THR A 306 -22.78 8.98 12.41
C THR A 306 -23.92 7.96 12.40
N GLY A 307 -23.96 7.15 13.45
CA GLY A 307 -24.90 6.06 13.53
C GLY A 307 -24.77 5.17 12.30
N GLU A 308 -23.55 5.10 11.76
CA GLU A 308 -23.27 4.26 10.61
C GLU A 308 -22.70 2.93 11.08
N ARG A 309 -22.55 1.98 10.15
CA ARG A 309 -22.05 0.65 10.50
C ARG A 309 -21.15 0.13 9.41
N THR A 310 -21.00 0.91 8.34
CA THR A 310 -19.95 0.72 7.36
C THR A 310 -18.80 1.68 7.68
N LEU A 311 -17.59 1.16 7.78
CA LEU A 311 -16.44 1.98 8.15
C LEU A 311 -15.44 2.18 7.00
N PHE A 312 -15.10 3.43 6.72
CA PHE A 312 -14.09 3.73 5.70
C PHE A 312 -12.79 4.13 6.35
N VAL A 313 -11.70 3.43 6.00
CA VAL A 313 -10.42 3.76 6.58
C VAL A 313 -9.45 4.10 5.49
N ALA A 314 -8.66 5.15 5.69
CA ALA A 314 -7.63 5.56 4.76
C ALA A 314 -6.58 6.38 5.51
N GLY A 315 -5.47 6.68 4.85
CA GLY A 315 -4.32 7.23 5.51
C GLY A 315 -3.34 6.08 5.73
N GLY A 316 -2.05 6.43 5.85
CA GLY A 316 -0.99 5.44 5.93
C GLY A 316 -1.28 4.34 6.94
N VAL A 317 -1.84 4.71 8.08
CA VAL A 317 -2.04 3.71 9.11
C VAL A 317 -3.05 2.69 8.63
N GLY A 318 -3.85 3.04 7.63
CA GLY A 318 -4.83 2.12 7.09
C GLY A 318 -4.19 0.91 6.39
N LEU A 319 -2.88 0.96 6.24
CA LEU A 319 -2.18 -0.20 5.75
C LEU A 319 -2.00 -1.28 6.83
N ASN A 320 -2.29 -0.95 8.08
CA ASN A 320 -2.15 -1.96 9.11
C ASN A 320 -3.22 -3.06 8.99
N ALA A 321 -2.93 -4.08 8.22
CA ALA A 321 -3.90 -5.11 7.93
C ALA A 321 -4.30 -5.85 9.20
N THR A 322 -3.46 -5.78 10.21
CA THR A 322 -3.72 -6.52 11.44
C THR A 322 -4.78 -5.77 12.24
N MET A 323 -4.60 -4.46 12.32
CA MET A 323 -5.57 -3.57 12.94
C MET A 323 -6.90 -3.60 12.19
N ASN A 324 -6.82 -3.65 10.86
CA ASN A 324 -8.04 -3.70 10.07
C ASN A 324 -8.86 -4.94 10.38
N GLY A 325 -8.19 -6.07 10.44
CA GLY A 325 -8.87 -7.34 10.68
C GLY A 325 -9.65 -7.36 11.98
N LYS A 326 -9.08 -6.72 13.01
CA LYS A 326 -9.69 -6.66 14.33
C LYS A 326 -10.85 -5.67 14.39
N LEU A 327 -10.70 -4.55 13.69
CA LEU A 327 -11.83 -3.65 13.44
C LEU A 327 -13.00 -4.40 12.81
N LEU A 328 -12.69 -5.25 11.83
CA LEU A 328 -13.72 -5.92 11.08
C LEU A 328 -14.58 -6.75 12.01
N THR A 329 -13.92 -7.59 12.80
CA THR A 329 -14.62 -8.47 13.73
C THR A 329 -15.20 -7.70 14.90
N ARG A 330 -15.00 -6.39 14.89
CA ARG A 330 -15.52 -5.51 15.93
C ARG A 330 -17.05 -5.59 15.97
N SER A 331 -17.59 -5.23 17.11
CA SER A 331 -19.03 -5.34 17.35
C SER A 331 -19.74 -4.19 16.64
N THR A 332 -19.02 -3.10 16.52
CA THR A 332 -19.56 -1.86 16.04
C THR A 332 -19.45 -1.71 14.51
N VAL A 333 -18.94 -2.75 13.84
CA VAL A 333 -18.67 -2.71 12.39
C VAL A 333 -19.36 -3.86 11.63
N ASP A 334 -20.19 -3.53 10.63
CA ASP A 334 -20.83 -4.57 9.84
C ASP A 334 -20.10 -4.75 8.52
N LYS A 335 -19.70 -3.63 7.93
CA LYS A 335 -19.05 -3.63 6.65
C LYS A 335 -17.92 -2.62 6.73
N MET A 336 -16.83 -2.88 5.99
CA MET A 336 -15.65 -2.04 6.10
C MET A 336 -14.89 -2.00 4.77
N PHE A 337 -14.51 -0.80 4.33
CA PHE A 337 -13.72 -0.65 3.10
C PHE A 337 -12.41 0.13 3.28
N VAL A 338 -11.30 -0.52 2.97
CA VAL A 338 -9.99 0.14 2.94
C VAL A 338 -9.42 -0.10 1.56
N PRO A 339 -9.21 0.97 0.77
CA PRO A 339 -8.70 0.82 -0.60
C PRO A 339 -7.24 0.38 -0.58
N PRO A 340 -6.77 -0.25 -1.66
CA PRO A 340 -5.38 -0.72 -1.66
C PRO A 340 -4.42 0.46 -1.52
N VAL A 341 -4.87 1.64 -1.96
CA VAL A 341 -4.04 2.82 -2.01
C VAL A 341 -4.31 3.76 -0.83
N ALA A 342 -4.50 3.20 0.35
CA ALA A 342 -4.71 3.99 1.55
C ALA A 342 -3.56 4.95 1.92
N SER A 343 -2.34 4.66 1.47
CA SER A 343 -1.24 5.58 1.73
C SER A 343 -1.35 6.79 0.80
N ASP A 344 -0.35 7.66 0.80
CA ASP A 344 -0.45 8.88 0.01
C ASP A 344 -0.58 8.60 -1.47
N ILE A 345 -0.13 7.44 -1.91
CA ILE A 345 -0.21 7.14 -3.34
C ILE A 345 -1.66 7.24 -3.79
N GLY A 346 -2.57 7.17 -2.83
CA GLY A 346 -3.99 7.19 -3.12
C GLY A 346 -4.58 8.59 -3.27
N VAL A 347 -3.90 9.60 -2.77
CA VAL A 347 -4.50 10.95 -2.76
C VAL A 347 -4.51 11.62 -4.12
N SER A 348 -3.76 11.09 -5.08
CA SER A 348 -3.98 11.47 -6.45
C SER A 348 -5.40 11.03 -6.76
N LEU A 349 -5.63 9.73 -6.84
CA LEU A 349 -6.96 9.20 -7.11
C LEU A 349 -8.03 9.89 -6.29
N GLY A 350 -7.72 10.17 -5.02
CA GLY A 350 -8.64 10.84 -4.11
C GLY A 350 -8.98 12.26 -4.51
N ALA A 351 -7.97 13.04 -4.85
CA ALA A 351 -8.19 14.39 -5.30
C ALA A 351 -9.01 14.40 -6.59
N ALA A 352 -8.68 13.51 -7.53
CA ALA A 352 -9.40 13.46 -8.79
C ALA A 352 -10.88 13.20 -8.51
N ALA A 353 -11.14 12.17 -7.70
CA ALA A 353 -12.52 11.81 -7.38
C ALA A 353 -13.27 13.02 -6.76
N ALA A 354 -12.67 13.63 -5.77
CA ALA A 354 -13.32 14.78 -5.13
C ALA A 354 -13.63 15.83 -6.16
N VAL A 355 -12.76 15.97 -7.17
CA VAL A 355 -12.99 16.98 -8.21
C VAL A 355 -14.05 16.51 -9.22
N ALA A 356 -13.87 15.32 -9.77
CA ALA A 356 -14.89 14.72 -10.63
C ALA A 356 -16.31 14.86 -10.05
N VAL A 357 -16.41 14.64 -8.74
CA VAL A 357 -17.71 14.69 -8.07
C VAL A 357 -18.27 16.10 -8.03
N GLU A 358 -17.43 17.06 -7.69
CA GLU A 358 -17.81 18.45 -7.81
C GLU A 358 -18.30 18.78 -9.24
N LEU A 359 -17.69 18.18 -10.26
CA LEU A 359 -18.09 18.47 -11.65
C LEU A 359 -19.33 17.70 -12.12
N GLY A 360 -19.96 16.98 -11.20
CA GLY A 360 -21.17 16.23 -11.51
C GLY A 360 -20.96 14.81 -12.00
N ASP A 361 -19.70 14.37 -12.01
CA ASP A 361 -19.38 12.98 -12.36
C ASP A 361 -19.86 12.00 -11.28
N ARG A 362 -19.92 10.73 -11.66
CA ARG A 362 -20.37 9.67 -10.75
C ARG A 362 -19.25 8.64 -10.68
N ILE A 363 -18.69 8.45 -9.50
CA ILE A 363 -17.50 7.61 -9.39
C ILE A 363 -17.86 6.15 -9.31
N ALA A 364 -17.26 5.34 -10.18
CA ALA A 364 -17.51 3.90 -10.19
C ALA A 364 -16.60 3.24 -9.18
N PRO A 365 -17.12 2.17 -8.54
CA PRO A 365 -16.42 1.32 -7.57
C PRO A 365 -15.17 0.69 -8.18
N MET A 366 -14.12 0.44 -7.39
CA MET A 366 -12.91 -0.17 -7.94
C MET A 366 -13.20 -1.54 -8.51
N GLY A 367 -13.99 -2.31 -7.78
CA GLY A 367 -14.40 -3.60 -8.28
C GLY A 367 -13.41 -4.69 -8.01
N ASP A 368 -12.79 -4.64 -6.83
CA ASP A 368 -12.01 -5.75 -6.35
C ASP A 368 -10.87 -6.03 -7.32
N THR A 369 -10.12 -4.97 -7.64
CA THR A 369 -8.99 -5.00 -8.58
C THR A 369 -8.19 -3.74 -8.36
N ALA A 370 -6.92 -3.77 -8.76
CA ALA A 370 -6.06 -2.59 -8.67
C ALA A 370 -5.09 -2.64 -9.82
N ALA A 371 -5.53 -3.30 -10.90
CA ALA A 371 -4.70 -3.48 -12.08
C ALA A 371 -4.94 -2.31 -13.04
N TRP A 372 -4.38 -1.17 -12.66
CA TRP A 372 -4.60 0.09 -13.36
C TRP A 372 -3.31 0.64 -13.92
N GLY A 373 -2.22 -0.07 -13.70
CA GLY A 373 -0.93 0.37 -14.19
C GLY A 373 -0.75 -0.08 -15.62
N PRO A 374 0.50 -0.03 -16.12
CA PRO A 374 0.91 -0.51 -17.45
C PRO A 374 0.73 -2.00 -17.71
N GLU A 375 0.23 -2.33 -18.90
CA GLU A 375 0.28 -3.69 -19.44
C GLU A 375 1.13 -3.68 -20.70
N PHE A 376 1.49 -4.84 -21.23
CA PHE A 376 2.37 -4.91 -22.39
C PHE A 376 1.95 -5.95 -23.40
N SER A 377 2.02 -5.60 -24.69
CA SER A 377 1.67 -6.53 -25.77
C SER A 377 2.62 -7.73 -25.82
N PRO A 378 2.12 -8.86 -26.30
CA PRO A 378 3.08 -9.96 -26.46
C PRO A 378 4.25 -9.53 -27.34
N ASP A 379 3.99 -8.64 -28.30
CA ASP A 379 5.09 -8.16 -29.14
C ASP A 379 6.11 -7.40 -28.29
N GLN A 380 5.62 -6.54 -27.39
CA GLN A 380 6.48 -5.75 -26.55
C GLN A 380 7.32 -6.66 -25.64
N VAL A 381 6.68 -7.64 -25.03
CA VAL A 381 7.39 -8.58 -24.19
C VAL A 381 8.45 -9.26 -25.03
N ARG A 382 8.04 -9.85 -26.15
CA ARG A 382 8.96 -10.53 -27.06
C ARG A 382 10.24 -9.73 -27.32
N ALA A 383 10.08 -8.42 -27.51
CA ALA A 383 11.19 -7.49 -27.70
C ALA A 383 12.13 -7.52 -26.50
N ALA A 384 11.57 -7.35 -25.31
CA ALA A 384 12.36 -7.43 -24.10
C ALA A 384 13.12 -8.77 -23.97
N LEU A 385 12.51 -9.88 -24.36
CA LEU A 385 13.19 -11.16 -24.30
C LEU A 385 14.25 -11.26 -25.36
N ASP A 386 13.93 -10.79 -26.56
CA ASP A 386 14.84 -10.94 -27.70
C ASP A 386 16.08 -10.09 -27.48
N ARG A 387 15.89 -9.02 -26.74
CA ARG A 387 16.96 -8.14 -26.34
C ARG A 387 17.95 -8.91 -25.42
N THR A 388 17.43 -9.80 -24.59
CA THR A 388 18.28 -10.52 -23.63
C THR A 388 18.93 -11.77 -24.21
N GLY A 389 18.35 -12.31 -25.28
CA GLY A 389 18.87 -13.51 -25.91
C GLY A 389 18.62 -14.80 -25.14
N LEU A 390 17.71 -14.76 -24.18
CA LEU A 390 17.28 -15.98 -23.49
C LEU A 390 16.30 -16.76 -24.35
N ALA A 391 16.33 -18.07 -24.18
CA ALA A 391 15.43 -18.94 -24.90
C ALA A 391 14.15 -18.98 -24.12
N TYR A 392 13.04 -19.12 -24.83
CA TYR A 392 11.75 -19.13 -24.17
C TYR A 392 10.71 -19.91 -24.94
N ARG A 393 9.59 -20.21 -24.29
CA ARG A 393 8.50 -20.94 -24.90
C ARG A 393 7.21 -20.09 -24.92
N GLU A 394 6.31 -20.44 -25.83
CA GLU A 394 4.93 -19.95 -25.75
C GLU A 394 4.02 -21.12 -25.50
N PRO A 395 3.88 -21.52 -24.23
CA PRO A 395 3.11 -22.71 -23.86
C PRO A 395 1.70 -22.56 -24.35
N ALA A 396 1.11 -23.64 -24.88
CA ALA A 396 -0.27 -23.63 -25.33
C ALA A 396 -1.23 -23.30 -24.20
N ASN A 397 -0.99 -23.86 -23.03
CA ASN A 397 -1.80 -23.53 -21.86
C ASN A 397 -0.99 -23.00 -20.66
N LEU A 398 -0.58 -21.73 -20.76
CA LEU A 398 0.32 -21.16 -19.77
C LEU A 398 -0.17 -21.40 -18.34
N GLU A 399 -1.46 -21.23 -18.12
CA GLU A 399 -2.02 -21.33 -16.76
C GLU A 399 -1.88 -22.73 -16.21
N ARG A 400 -2.13 -23.74 -17.03
CA ARG A 400 -1.98 -25.12 -16.59
C ARG A 400 -0.53 -25.47 -16.20
N GLU A 401 0.43 -25.14 -17.07
CA GLU A 401 1.84 -25.36 -16.77
C GLU A 401 2.28 -24.54 -15.56
N VAL A 402 1.79 -23.30 -15.46
CA VAL A 402 2.17 -22.50 -14.31
C VAL A 402 1.65 -23.15 -13.02
N ALA A 403 0.40 -23.60 -13.03
CA ALA A 403 -0.17 -24.29 -11.87
C ALA A 403 0.61 -25.57 -11.53
N ALA A 404 1.00 -26.34 -12.53
CA ALA A 404 1.82 -27.54 -12.29
C ALA A 404 3.17 -27.22 -11.62
N LEU A 405 3.82 -26.14 -12.03
CA LEU A 405 5.10 -25.76 -11.44
C LEU A 405 4.89 -25.47 -9.95
N ILE A 406 3.93 -24.61 -9.64
CA ILE A 406 3.61 -24.23 -8.27
C ILE A 406 3.27 -25.47 -7.41
N ALA A 407 2.35 -26.27 -7.92
CA ALA A 407 1.92 -27.50 -7.25
C ALA A 407 3.13 -28.35 -6.84
N SER A 408 4.16 -28.34 -7.67
CA SER A 408 5.32 -29.19 -7.45
C SER A 408 6.38 -28.54 -6.56
N GLY A 409 6.13 -27.32 -6.12
CA GLY A 409 7.02 -26.65 -5.18
C GLY A 409 8.08 -25.77 -5.80
N LYS A 410 7.87 -25.35 -7.04
CA LYS A 410 8.76 -24.41 -7.68
C LYS A 410 8.17 -23.00 -7.57
N VAL A 411 9.02 -21.98 -7.61
CA VAL A 411 8.60 -20.61 -7.40
C VAL A 411 8.48 -19.96 -8.76
N VAL A 412 7.33 -19.35 -9.05
CA VAL A 412 7.14 -18.81 -10.41
C VAL A 412 6.89 -17.31 -10.48
N GLY A 413 7.69 -16.65 -11.32
CA GLY A 413 7.51 -15.23 -11.55
C GLY A 413 6.32 -15.02 -12.44
N TRP A 414 5.40 -14.17 -12.04
CA TRP A 414 4.14 -14.04 -12.74
C TRP A 414 3.95 -12.59 -13.09
N ALA A 415 4.17 -12.24 -14.35
CA ALA A 415 4.05 -10.86 -14.79
C ALA A 415 3.07 -10.83 -15.96
N GLN A 416 1.85 -10.37 -15.66
CA GLN A 416 0.76 -10.42 -16.61
C GLN A 416 -0.10 -9.16 -16.50
N GLY A 417 -0.70 -8.77 -17.63
CA GLY A 417 -1.66 -7.67 -17.67
C GLY A 417 -1.19 -6.33 -17.17
N ARG A 418 -2.14 -5.48 -16.76
CA ARG A 418 -1.83 -4.16 -16.23
C ARG A 418 -1.26 -4.33 -14.85
N GLY A 419 -0.14 -3.68 -14.57
CA GLY A 419 0.49 -3.77 -13.26
C GLY A 419 -0.42 -3.22 -12.17
N GLU A 420 -0.37 -3.86 -11.01
CA GLU A 420 -1.19 -3.46 -9.87
C GLU A 420 -0.60 -2.25 -9.13
N VAL A 421 -1.47 -1.42 -8.57
CA VAL A 421 -1.09 -0.18 -7.88
C VAL A 421 -1.19 -0.36 -6.35
N GLY A 422 -0.23 0.19 -5.61
CA GLY A 422 -0.15 -0.02 -4.17
C GLY A 422 0.99 -0.95 -3.81
N PRO A 423 1.27 -1.06 -2.50
CA PRO A 423 2.40 -1.84 -1.95
C PRO A 423 2.33 -3.35 -2.19
N ARG A 424 1.12 -3.92 -2.29
CA ARG A 424 0.92 -5.38 -2.31
C ARG A 424 0.66 -5.88 -3.71
N ALA A 425 1.41 -6.92 -4.10
CA ALA A 425 1.21 -7.61 -5.38
C ALA A 425 -0.07 -8.43 -5.33
N LEU A 426 -0.79 -8.45 -6.43
CA LEU A 426 -2.13 -9.04 -6.45
C LEU A 426 -2.34 -9.91 -7.67
N GLY A 427 -1.27 -10.50 -8.20
CA GLY A 427 -1.44 -11.44 -9.29
C GLY A 427 -1.28 -10.80 -10.66
N GLN A 428 -0.70 -9.59 -10.68
CA GLN A 428 -0.29 -8.97 -11.92
C GLN A 428 1.22 -8.98 -11.99
N ARG A 429 1.86 -8.72 -10.84
CA ARG A 429 3.33 -8.79 -10.73
C ARG A 429 3.79 -9.53 -9.47
N SER A 430 3.64 -10.85 -9.47
CA SER A 430 3.78 -11.64 -8.25
C SER A 430 4.89 -12.68 -8.33
N LEU A 431 5.41 -13.09 -7.17
CA LEU A 431 6.18 -14.30 -7.08
C LEU A 431 5.26 -15.31 -6.40
N LEU A 432 5.04 -16.44 -7.05
CA LEU A 432 4.05 -17.42 -6.60
C LEU A 432 4.73 -18.69 -6.15
N GLY A 433 4.16 -19.34 -5.14
CA GLY A 433 4.68 -20.60 -4.62
C GLY A 433 3.60 -21.41 -3.93
N SER A 434 3.93 -22.59 -3.43
CA SER A 434 2.92 -23.42 -2.76
C SER A 434 2.37 -22.88 -1.41
N ALA A 435 1.06 -22.64 -1.35
CA ALA A 435 0.45 -22.34 -0.06
C ALA A 435 0.49 -23.58 0.86
N HIS A 436 0.65 -24.76 0.27
CA HIS A 436 0.52 -26.04 0.96
C HIS A 436 1.82 -26.60 1.52
N SER A 437 2.95 -25.97 1.16
CA SER A 437 4.28 -26.46 1.48
C SER A 437 4.78 -26.05 2.85
N PRO A 438 5.27 -27.02 3.64
CA PRO A 438 5.76 -26.69 4.98
C PRO A 438 7.14 -26.05 4.95
N THR A 439 7.74 -25.92 3.77
CA THR A 439 9.10 -25.40 3.64
C THR A 439 9.19 -24.17 2.76
N MET A 440 8.10 -23.87 2.06
CA MET A 440 8.06 -22.79 1.10
C MET A 440 8.45 -21.45 1.71
N ARG A 441 7.88 -21.17 2.86
CA ARG A 441 8.13 -19.93 3.57
C ARG A 441 9.63 -19.72 3.82
N ASP A 442 10.30 -20.68 4.44
CA ASP A 442 11.73 -20.46 4.69
C ASP A 442 12.52 -20.39 3.40
N HIS A 443 12.00 -21.02 2.36
CA HIS A 443 12.68 -21.08 1.07
C HIS A 443 12.61 -19.72 0.38
N ILE A 444 11.41 -19.16 0.30
CA ILE A 444 11.26 -17.86 -0.32
C ILE A 444 11.93 -16.77 0.53
N ASN A 445 11.67 -16.75 1.83
CA ASN A 445 12.27 -15.73 2.68
C ASN A 445 13.78 -15.73 2.64
N LEU A 446 14.37 -16.91 2.79
CA LEU A 446 15.80 -17.01 3.07
C LEU A 446 16.64 -17.21 1.85
N ARG A 447 16.16 -18.03 0.93
CA ARG A 447 16.93 -18.44 -0.24
C ARG A 447 16.59 -17.56 -1.46
N VAL A 448 15.30 -17.26 -1.60
CA VAL A 448 14.79 -16.51 -2.75
C VAL A 448 14.90 -14.97 -2.62
N LYS A 449 14.40 -14.40 -1.53
CA LYS A 449 14.44 -12.94 -1.33
C LYS A 449 15.55 -12.44 -0.41
N ASP A 450 16.25 -13.36 0.24
CA ASP A 450 17.28 -13.00 1.21
C ASP A 450 16.77 -11.89 2.14
N ARG A 451 15.86 -12.27 3.04
CA ARG A 451 15.21 -11.35 3.97
C ARG A 451 14.89 -12.05 5.31
N GLU A 452 14.24 -11.35 6.23
CA GLU A 452 14.06 -11.85 7.61
C GLU A 452 13.12 -13.04 7.72
N TRP A 453 13.62 -14.10 8.35
CA TRP A 453 12.88 -15.37 8.53
C TRP A 453 11.49 -15.20 9.17
N TRP A 454 11.33 -14.15 9.96
CA TRP A 454 10.09 -13.92 10.67
C TRP A 454 9.00 -13.22 9.85
N ARG A 455 9.29 -12.84 8.62
CA ARG A 455 8.31 -12.17 7.75
C ARG A 455 7.22 -13.14 7.26
N PRO A 456 5.98 -12.68 7.17
CA PRO A 456 4.92 -13.60 6.74
C PRO A 456 4.60 -13.54 5.25
N PHE A 457 3.85 -14.53 4.76
CA PHE A 457 3.37 -14.57 3.38
C PHE A 457 1.84 -14.60 3.31
N ALA A 458 1.28 -14.11 2.20
CA ALA A 458 -0.18 -14.05 2.04
C ALA A 458 -0.70 -14.94 0.91
N PRO A 459 -1.86 -15.57 1.11
CA PRO A 459 -2.39 -16.47 0.08
C PRO A 459 -3.31 -15.74 -0.88
N SER A 460 -3.29 -16.18 -2.14
CA SER A 460 -4.34 -15.84 -3.13
C SER A 460 -5.26 -17.05 -3.31
N MET A 461 -6.56 -16.81 -3.22
CA MET A 461 -7.54 -17.87 -3.38
C MET A 461 -8.69 -17.38 -4.24
N LEU A 462 -9.31 -18.29 -4.98
CA LEU A 462 -10.55 -17.97 -5.68
C LEU A 462 -11.57 -17.42 -4.67
N ARG A 463 -12.28 -16.37 -5.05
CA ARG A 463 -13.37 -15.89 -4.20
C ARG A 463 -14.41 -16.99 -4.06
N SER A 464 -14.63 -17.74 -5.14
CA SER A 464 -15.60 -18.82 -5.12
C SER A 464 -15.33 -19.96 -4.10
N VAL A 465 -14.22 -19.88 -3.37
CA VAL A 465 -13.97 -20.82 -2.25
C VAL A 465 -13.51 -20.08 -1.01
N SER A 466 -13.38 -18.75 -1.14
CA SER A 466 -13.13 -17.85 -0.01
C SER A 466 -14.05 -18.24 1.15
N ASP A 467 -15.32 -18.47 0.79
CA ASP A 467 -16.40 -18.81 1.74
C ASP A 467 -16.05 -19.93 2.72
N GLN A 468 -15.33 -20.94 2.22
CA GLN A 468 -15.05 -22.15 3.00
C GLN A 468 -13.66 -22.10 3.62
N VAL A 469 -12.81 -21.20 3.15
CA VAL A 469 -11.43 -21.13 3.62
C VAL A 469 -11.28 -20.15 4.79
N LEU A 470 -11.76 -18.92 4.59
CA LEU A 470 -11.78 -17.92 5.63
C LEU A 470 -13.11 -18.01 6.35
N GLU A 471 -13.18 -17.51 7.57
CA GLU A 471 -14.44 -17.59 8.30
C GLU A 471 -15.23 -16.32 8.16
N VAL A 472 -14.92 -15.54 7.13
CA VAL A 472 -15.69 -14.34 6.83
C VAL A 472 -16.02 -14.33 5.34
N ASP A 473 -17.29 -14.57 5.00
CA ASP A 473 -17.69 -14.58 3.58
C ASP A 473 -17.76 -13.16 3.04
N ALA A 474 -16.61 -12.65 2.61
CA ALA A 474 -16.48 -11.27 2.21
C ALA A 474 -15.36 -11.15 1.19
N ASP A 475 -15.45 -10.13 0.34
CA ASP A 475 -14.37 -9.80 -0.59
C ASP A 475 -13.16 -9.28 0.18
N PHE A 476 -12.00 -9.92 -0.01
CA PHE A 476 -10.73 -9.40 0.47
C PHE A 476 -9.78 -9.23 -0.70
N PRO A 477 -10.02 -8.22 -1.54
CA PRO A 477 -9.34 -8.10 -2.84
C PRO A 477 -7.92 -7.59 -2.78
N TYR A 478 -7.48 -7.01 -1.66
CA TYR A 478 -6.25 -6.20 -1.68
C TYR A 478 -5.12 -6.60 -0.72
N ILE A 479 -5.31 -7.66 0.06
CA ILE A 479 -4.32 -8.02 1.09
C ILE A 479 -4.04 -6.79 1.95
N ILE A 480 -5.09 -6.28 2.58
CA ILE A 480 -4.92 -5.13 3.41
C ILE A 480 -5.73 -5.36 4.68
N MET A 481 -6.27 -6.57 4.80
CA MET A 481 -7.07 -6.92 5.96
C MET A 481 -6.84 -8.37 6.37
N THR A 482 -6.35 -8.59 7.58
CA THR A 482 -6.20 -9.93 8.13
C THR A 482 -7.54 -10.60 8.43
N THR A 483 -7.59 -11.93 8.33
CA THR A 483 -8.74 -12.68 8.83
C THR A 483 -8.32 -14.08 9.24
N LYS A 484 -9.24 -14.82 9.83
CA LYS A 484 -8.95 -16.17 10.31
C LYS A 484 -9.42 -17.20 9.29
N VAL A 485 -8.61 -18.24 9.06
CA VAL A 485 -9.06 -19.38 8.26
C VAL A 485 -9.92 -20.33 9.10
N ARG A 486 -10.81 -21.05 8.44
CA ARG A 486 -11.63 -22.05 9.10
C ARG A 486 -10.86 -23.34 9.43
N ALA A 487 -11.25 -23.99 10.53
CA ALA A 487 -10.74 -25.30 10.94
C ALA A 487 -10.25 -26.20 9.79
N ALA A 488 -11.10 -26.41 8.80
CA ALA A 488 -10.79 -27.36 7.72
C ALA A 488 -9.54 -26.97 6.92
N TYR A 489 -9.16 -25.70 6.99
CA TYR A 489 -8.06 -25.19 6.18
C TYR A 489 -6.89 -24.66 7.00
N ALA A 490 -7.04 -24.67 8.31
CA ALA A 490 -6.02 -24.13 9.21
C ALA A 490 -4.67 -24.80 9.04
N GLU A 491 -4.67 -26.13 8.95
CA GLU A 491 -3.42 -26.88 8.86
C GLU A 491 -2.99 -27.25 7.44
N ARG A 492 -3.89 -27.06 6.47
CA ARG A 492 -3.61 -27.40 5.07
C ARG A 492 -2.73 -26.39 4.37
N LEU A 493 -2.71 -25.15 4.84
CA LEU A 493 -2.03 -24.06 4.14
C LEU A 493 -0.81 -23.51 4.87
N PRO A 494 0.11 -24.38 5.29
CA PRO A 494 1.17 -24.03 6.23
C PRO A 494 1.90 -22.74 5.91
N SER A 495 2.09 -22.40 4.65
CA SER A 495 2.92 -21.22 4.35
C SER A 495 2.19 -19.87 4.36
N VAL A 496 0.87 -19.88 4.56
CA VAL A 496 0.13 -18.64 4.45
C VAL A 496 -0.83 -18.42 5.62
N VAL A 497 -0.78 -19.31 6.60
CA VAL A 497 -1.62 -19.20 7.78
C VAL A 497 -0.73 -19.24 9.01
N HIS A 498 -0.84 -18.25 9.89
CA HIS A 498 -0.01 -18.20 11.09
C HIS A 498 -0.44 -19.25 12.12
N GLU A 499 0.37 -19.40 13.16
CA GLU A 499 0.04 -20.26 14.31
C GLU A 499 -1.32 -19.84 14.84
N ASP A 500 -1.47 -18.53 14.98
CA ASP A 500 -2.72 -17.83 15.24
C ASP A 500 -3.95 -18.33 14.47
N TRP A 501 -3.72 -18.96 13.31
CA TRP A 501 -4.74 -19.24 12.29
C TRP A 501 -5.15 -17.99 11.46
N SER A 502 -4.45 -16.89 11.65
CA SER A 502 -4.75 -15.68 10.89
C SER A 502 -4.04 -15.71 9.55
N THR A 503 -4.54 -14.92 8.61
CA THR A 503 -3.89 -14.72 7.31
C THR A 503 -4.27 -13.38 6.69
N ARG A 504 -3.50 -12.93 5.69
CA ARG A 504 -3.87 -11.73 4.92
C ARG A 504 -4.23 -12.15 3.48
N PRO A 505 -5.49 -12.54 3.24
CA PRO A 505 -5.79 -13.16 1.95
C PRO A 505 -6.08 -12.17 0.82
N GLN A 506 -5.87 -12.65 -0.40
CA GLN A 506 -6.41 -12.00 -1.58
C GLN A 506 -7.46 -12.92 -2.17
N THR A 507 -8.69 -12.44 -2.27
CA THR A 507 -9.70 -13.20 -2.97
C THR A 507 -9.72 -12.73 -4.42
N VAL A 508 -9.90 -13.68 -5.34
CA VAL A 508 -9.84 -13.41 -6.77
C VAL A 508 -11.16 -13.72 -7.47
N THR A 509 -11.62 -12.83 -8.34
CA THR A 509 -12.82 -13.12 -9.12
C THR A 509 -12.42 -13.30 -10.58
N GLU A 510 -13.27 -13.96 -11.35
CA GLU A 510 -12.94 -14.15 -12.75
C GLU A 510 -12.83 -12.80 -13.45
N ALA A 511 -13.75 -11.89 -13.14
CA ALA A 511 -13.73 -10.53 -13.68
C ALA A 511 -12.39 -9.82 -13.40
N SER A 512 -12.04 -9.73 -12.12
CA SER A 512 -10.82 -9.02 -11.73
C SER A 512 -9.57 -9.52 -12.47
N ASN A 513 -9.46 -10.83 -12.68
CA ASN A 513 -8.25 -11.38 -13.28
C ASN A 513 -8.46 -12.77 -13.90
N PRO A 514 -9.03 -12.82 -15.11
CA PRO A 514 -9.41 -14.06 -15.80
C PRO A 514 -8.26 -15.08 -15.88
N ARG A 515 -7.08 -14.60 -16.26
CA ARG A 515 -5.86 -15.41 -16.41
C ARG A 515 -5.39 -16.07 -15.09
N TYR A 516 -5.43 -15.29 -14.01
CA TYR A 516 -4.94 -15.71 -12.71
C TYR A 516 -5.96 -16.63 -12.06
N HIS A 517 -7.22 -16.19 -12.10
CA HIS A 517 -8.34 -16.99 -11.64
C HIS A 517 -8.31 -18.36 -12.29
N ARG A 518 -7.94 -18.36 -13.56
CA ARG A 518 -7.86 -19.58 -14.35
C ARG A 518 -6.67 -20.42 -13.88
N MET A 519 -5.61 -19.75 -13.46
CA MET A 519 -4.41 -20.43 -12.97
C MET A 519 -4.67 -21.09 -11.61
N LEU A 520 -5.21 -20.33 -10.67
CA LEU A 520 -5.59 -20.88 -9.37
C LEU A 520 -6.52 -22.06 -9.56
N THR A 521 -7.42 -21.99 -10.53
CA THR A 521 -8.40 -23.05 -10.71
C THR A 521 -7.70 -24.34 -11.10
N GLU A 522 -6.75 -24.21 -12.01
CA GLU A 522 -5.96 -25.34 -12.45
C GLU A 522 -5.20 -25.90 -11.27
N LEU A 523 -4.66 -25.03 -10.43
CA LEU A 523 -3.95 -25.45 -9.24
C LEU A 523 -4.84 -26.30 -8.37
N GLY A 524 -6.08 -25.85 -8.21
CA GLY A 524 -7.08 -26.58 -7.44
C GLY A 524 -7.08 -28.04 -7.81
N ASP A 525 -7.20 -28.33 -9.11
CA ASP A 525 -7.30 -29.71 -9.56
C ASP A 525 -6.02 -30.46 -9.24
N LEU A 526 -4.92 -29.73 -9.07
CA LEU A 526 -3.67 -30.38 -8.73
C LEU A 526 -3.56 -30.65 -7.24
N VAL A 527 -3.72 -29.62 -6.41
CA VAL A 527 -3.56 -29.81 -4.96
C VAL A 527 -4.83 -29.69 -4.13
N GLY A 528 -5.98 -29.66 -4.79
CA GLY A 528 -7.25 -29.69 -4.07
C GLY A 528 -7.81 -28.33 -3.73
N ASP A 529 -6.96 -27.40 -3.31
CA ASP A 529 -7.41 -26.03 -3.06
C ASP A 529 -6.83 -25.06 -4.07
N PRO A 530 -7.69 -24.25 -4.66
CA PRO A 530 -7.17 -23.27 -5.60
C PRO A 530 -6.54 -22.12 -4.81
N VAL A 531 -5.53 -22.43 -4.00
CA VAL A 531 -4.89 -21.42 -3.17
C VAL A 531 -3.40 -21.45 -3.41
N CYS A 532 -2.77 -20.29 -3.45
CA CYS A 532 -1.31 -20.24 -3.56
C CYS A 532 -0.66 -19.11 -2.75
N LEU A 533 0.65 -19.22 -2.57
CA LEU A 533 1.46 -18.16 -1.99
C LEU A 533 1.61 -17.05 -3.01
N ASN A 534 1.66 -15.81 -2.52
CA ASN A 534 1.69 -14.66 -3.41
C ASN A 534 2.47 -13.52 -2.76
N THR A 535 3.70 -13.32 -3.22
CA THR A 535 4.53 -12.31 -2.62
C THR A 535 5.01 -11.34 -3.71
N SER A 536 5.36 -10.12 -3.31
CA SER A 536 5.76 -9.09 -4.26
C SER A 536 6.93 -9.53 -5.14
N PHE A 537 6.82 -9.22 -6.43
CA PHE A 537 7.87 -9.56 -7.41
C PHE A 537 8.95 -8.48 -7.51
N ASN A 538 10.01 -8.61 -6.71
CA ASN A 538 11.12 -7.65 -6.71
C ASN A 538 12.29 -8.11 -5.85
N ASP A 539 13.45 -7.48 -6.03
CA ASP A 539 14.62 -7.82 -5.23
C ASP A 539 14.67 -6.90 -4.02
N ARG A 540 15.55 -7.18 -3.06
CA ARG A 540 15.46 -6.51 -1.75
C ARG A 540 15.21 -5.01 -1.89
N GLY A 541 16.05 -4.32 -2.67
CA GLY A 541 16.02 -2.87 -2.70
C GLY A 541 15.37 -2.22 -3.92
N GLU A 542 14.32 -2.84 -4.45
CA GLU A 542 13.64 -2.25 -5.60
C GLU A 542 12.12 -2.21 -5.40
N PRO A 543 11.41 -1.44 -6.23
CA PRO A 543 9.95 -1.50 -6.27
C PRO A 543 9.47 -2.77 -6.95
N ILE A 544 8.20 -3.12 -6.80
CA ILE A 544 7.66 -4.23 -7.58
C ILE A 544 8.05 -4.00 -9.06
N VAL A 545 8.33 -5.06 -9.80
CA VAL A 545 8.75 -4.87 -11.17
C VAL A 545 7.58 -4.43 -12.04
N SER A 546 7.87 -3.67 -13.08
CA SER A 546 6.83 -3.04 -13.88
C SER A 546 6.88 -3.53 -15.31
N SER A 547 8.00 -3.27 -15.97
CA SER A 547 8.14 -3.62 -17.37
C SER A 547 8.65 -5.05 -17.50
N PRO A 548 8.43 -5.65 -18.68
CA PRO A 548 9.01 -6.97 -18.96
C PRO A 548 10.53 -6.97 -18.75
N ALA A 549 11.21 -5.88 -19.10
CA ALA A 549 12.65 -5.79 -18.81
C ALA A 549 12.88 -5.87 -17.31
N ASP A 550 12.11 -5.07 -16.58
CA ASP A 550 12.12 -5.10 -15.12
C ASP A 550 12.01 -6.50 -14.53
N ALA A 551 11.22 -7.35 -15.17
CA ALA A 551 10.97 -8.69 -14.63
C ALA A 551 12.09 -9.66 -15.03
N LEU A 552 12.59 -9.52 -16.25
CA LEU A 552 13.74 -10.30 -16.64
C LEU A 552 14.91 -9.99 -15.71
N LEU A 553 15.24 -8.71 -15.57
CA LEU A 553 16.31 -8.30 -14.67
C LEU A 553 16.23 -9.00 -13.31
N THR A 554 15.05 -8.94 -12.69
CA THR A 554 14.87 -9.48 -11.34
C THR A 554 14.93 -10.99 -11.37
N PHE A 555 14.24 -11.58 -12.33
CA PHE A 555 14.26 -13.01 -12.56
C PHE A 555 15.70 -13.47 -12.70
N SER A 556 16.56 -12.58 -13.18
CA SER A 556 17.95 -12.92 -13.40
C SER A 556 18.74 -13.17 -12.14
N ARG A 557 18.50 -12.37 -11.10
CA ARG A 557 19.24 -12.51 -9.85
C ARG A 557 18.46 -13.14 -8.72
N LEU A 558 17.35 -13.80 -9.02
CA LEU A 558 16.66 -14.56 -7.98
C LEU A 558 16.64 -16.04 -8.37
N PRO A 559 16.95 -16.92 -7.41
CA PRO A 559 16.79 -18.33 -7.79
C PRO A 559 15.31 -18.71 -7.90
N ILE A 560 14.60 -18.07 -8.84
CA ILE A 560 13.27 -18.50 -9.23
C ILE A 560 13.40 -19.65 -10.22
N ASP A 561 12.33 -20.44 -10.35
CA ASP A 561 12.34 -21.55 -11.30
C ASP A 561 11.95 -21.14 -12.73
N ALA A 562 10.93 -20.30 -12.83
CA ALA A 562 10.41 -19.91 -14.14
C ALA A 562 9.77 -18.55 -14.06
N LEU A 563 9.67 -17.91 -15.23
CA LEU A 563 9.02 -16.60 -15.37
C LEU A 563 7.98 -16.64 -16.47
N ALA A 564 6.72 -16.55 -16.06
CA ALA A 564 5.60 -16.41 -16.99
C ALA A 564 5.37 -14.94 -17.20
N VAL A 565 5.95 -14.41 -18.26
CA VAL A 565 5.81 -13.00 -18.59
C VAL A 565 5.07 -12.87 -19.91
N GLY A 566 3.82 -12.41 -19.84
CA GLY A 566 2.99 -12.34 -21.04
C GLY A 566 2.58 -13.75 -21.35
N PRO A 567 2.49 -14.08 -22.64
CA PRO A 567 2.13 -15.46 -23.01
C PRO A 567 3.34 -16.37 -22.95
N TYR A 568 4.47 -15.87 -22.42
CA TYR A 568 5.74 -16.60 -22.52
C TYR A 568 6.21 -17.19 -21.21
N LEU A 569 6.78 -18.40 -21.28
CA LEU A 569 7.40 -19.02 -20.11
C LEU A 569 8.91 -19.12 -20.28
N VAL A 570 9.64 -18.75 -19.24
CA VAL A 570 11.11 -18.81 -19.25
C VAL A 570 11.58 -19.61 -18.03
N THR A 571 12.54 -20.51 -18.21
CA THR A 571 12.95 -21.36 -17.10
C THR A 571 14.36 -21.12 -16.62
N LYS A 572 14.73 -21.90 -15.60
CA LYS A 572 16.08 -21.97 -15.08
C LYS A 572 16.39 -23.43 -14.78
FE FE2 B . -1.65 11.15 4.16
K K C . -18.97 -8.18 12.64
N CP D . 1.57 -9.78 -1.80
C CP D . 2.66 -9.07 -1.52
O CP D . 2.73 -7.86 -1.64
O4P CP D . 3.88 -9.72 -1.09
P CP D . 4.33 -9.70 0.45
O1P CP D . 4.28 -11.16 0.87
O2P CP D . 5.74 -9.13 0.37
O3P CP D . 3.31 -8.81 1.10
PB ADP E . 1.67 11.23 5.16
O1B ADP E . 1.36 10.97 6.62
O2B ADP E . 3.02 11.88 4.93
O3B ADP E . 0.55 11.92 4.43
PA ADP E . 0.77 8.52 4.48
O1A ADP E . -0.68 9.00 4.49
O2A ADP E . 1.31 7.58 3.43
O3A ADP E . 1.84 9.76 4.50
O5' ADP E . 0.98 7.79 5.89
C5' ADP E . 2.25 7.79 6.55
C4' ADP E . 2.19 6.87 7.75
O4' ADP E . 1.65 5.58 7.43
C3' ADP E . 3.57 6.56 8.33
O3' ADP E . 3.87 7.49 9.39
C2' ADP E . 3.43 5.12 8.83
O2' ADP E . 3.63 5.00 10.24
C1' ADP E . 2.00 4.73 8.51
N9 ADP E . 1.94 3.28 8.18
C8 ADP E . 2.25 2.71 7.00
N7 ADP E . 2.11 1.35 7.05
C5 ADP E . 1.70 1.05 8.31
C6 ADP E . 1.36 -0.18 9.04
N6 ADP E . 1.43 -1.39 8.41
N1 ADP E . 0.99 -0.07 10.32
C2 ADP E . 0.92 1.12 10.93
N3 ADP E . 1.21 2.28 10.33
C4 ADP E . 1.60 2.32 9.04
#